data_4FMN
#
_entry.id   4FMN
#
_cell.length_a   190.940
_cell.length_b   66.300
_cell.length_c   74.110
_cell.angle_alpha   90.00
_cell.angle_beta   90.15
_cell.angle_gamma   90.00
#
_symmetry.space_group_name_H-M   'C 1 2 1'
#
loop_
_entity.id
_entity.type
_entity.pdbx_description
1 polymer 'DNA mismatch repair protein MLH1'
2 polymer 'DNA mismatch repair protein PMS1'
3 polymer 'DNA repair peptide'
4 non-polymer GLYCEROL
5 non-polymer 1,2-ETHANEDIOL
6 non-polymer 'ZINC ION'
7 water water
#
loop_
_entity_poly.entity_id
_entity_poly.type
_entity_poly.pdbx_seq_one_letter_code
_entity_poly.pdbx_strand_id
1 'polypeptide(L)'
;GAMADDEKNALPISKDGYIRVPKERVNVNLTSIKKLREKVDDSIHRELTDIFANLNYVGVVDEERRLAAIQHDLKLFLID
YGSVCYELFYQIGLTDFANFGKINLQSTNVSDDIVLYNLLSEFDELNDDASKEKIISKIWDMSSMLNEYYSIELVNDGLD
NDLKSVKLKSLPLLLKGYIPSLVKLPFFIYRLGKEVDWEDEQECLDGILREIALLYIPDMVPKVDTSDASLSEDEKAQFI
NRKEHISSLLEHVLFPCIKRRFLAPRHILKDVVEIANLPDLYKVFERC
;
A
2 'polypeptide(L)'
;GSKRKSEAQENIIKNKDELEDFEQGEKYLTLTVSKNDFKKMEVVGQFNLGFIIVTRKVDNKYDLFIVDQHASDEKYNFET
LQAVTVFKSQKLIIPQPVELSVIDELVVLDNLPVFEKNGFKLKIDEEEEFGSRVKLLSLPTSKQTLFDLGDFNELIHLIK
EDGGLRRDNIRCSKIRSMFAMRACRSSIMIGKPLNKKTMTRVVHNLSELDKPWNCPHGRPTMRHLMELRDWSSFSKDYEI
;
B
3 'polypeptide(L)' (ACE)VRSKYFKK C
#
loop_
_chem_comp.id
_chem_comp.type
_chem_comp.name
_chem_comp.formula
ACE non-polymer 'ACETYL GROUP' 'C2 H4 O'
EDO non-polymer 1,2-ETHANEDIOL 'C2 H6 O2'
GOL non-polymer GLYCEROL 'C3 H8 O3'
ZN non-polymer 'ZINC ION' 'Zn 2'
#
# COMPACT_ATOMS: atom_id res chain seq x y z
CA GLU A 24 -3.03 39.44 -15.68
C GLU A 24 -3.10 38.00 -16.23
N ARG A 25 -4.13 37.22 -15.82
CA ARG A 25 -4.35 35.85 -16.30
C ARG A 25 -4.99 35.90 -17.70
N VAL A 26 -4.37 35.22 -18.70
CA VAL A 26 -4.79 35.12 -20.11
C VAL A 26 -6.11 34.35 -20.28
N ASN A 27 -7.14 34.96 -20.91
CA ASN A 27 -8.38 34.22 -21.17
C ASN A 27 -8.24 33.49 -22.49
N VAL A 28 -8.51 32.17 -22.49
CA VAL A 28 -8.37 31.36 -23.70
C VAL A 28 -9.52 31.58 -24.66
N ASN A 29 -9.27 32.42 -25.68
CA ASN A 29 -10.25 32.76 -26.72
C ASN A 29 -10.44 31.60 -27.69
N LEU A 30 -9.45 30.67 -27.75
CA LEU A 30 -9.36 29.55 -28.70
C LEU A 30 -10.52 28.61 -28.81
N THR A 31 -11.00 28.33 -30.06
CA THR A 31 -12.06 27.37 -30.33
C THR A 31 -11.61 25.94 -30.08
N SER A 32 -10.34 25.60 -30.30
CA SER A 32 -9.84 24.23 -30.11
C SER A 32 -9.85 23.74 -28.66
N ILE A 33 -9.45 24.58 -27.71
CA ILE A 33 -9.40 24.21 -26.28
C ILE A 33 -10.80 23.96 -25.75
N LYS A 34 -11.78 24.79 -26.15
CA LYS A 34 -13.19 24.64 -25.77
C LYS A 34 -13.80 23.32 -26.25
N LYS A 35 -13.51 22.90 -27.50
CA LYS A 35 -13.96 21.60 -28.03
C LYS A 35 -13.39 20.44 -27.17
N LEU A 36 -12.12 20.55 -26.76
CA LEU A 36 -11.49 19.54 -25.91
C LEU A 36 -12.03 19.52 -24.48
N ARG A 37 -12.46 20.70 -23.97
CA ARG A 37 -13.03 20.82 -22.63
C ARG A 37 -14.45 20.21 -22.64
N GLU A 38 -15.19 20.43 -23.75
CA GLU A 38 -16.53 19.89 -23.91
C GLU A 38 -16.49 18.36 -24.01
N LYS A 39 -15.46 17.83 -24.71
CA LYS A 39 -15.23 16.40 -24.88
C LYS A 39 -15.01 15.74 -23.52
N VAL A 40 -14.32 16.41 -22.56
CA VAL A 40 -14.08 15.94 -21.18
C VAL A 40 -15.44 15.94 -20.46
N ASP A 41 -16.18 17.06 -20.52
CA ASP A 41 -17.53 17.20 -19.97
C ASP A 41 -18.45 16.08 -20.45
N ASP A 42 -18.40 15.72 -21.74
CA ASP A 42 -19.26 14.66 -22.24
C ASP A 42 -18.92 13.26 -21.71
N SER A 43 -17.67 13.01 -21.27
CA SER A 43 -17.24 11.69 -20.80
C SER A 43 -17.37 11.47 -19.29
N ILE A 44 -17.72 12.52 -18.53
CA ILE A 44 -17.83 12.46 -17.07
C ILE A 44 -18.84 11.46 -16.57
N HIS A 45 -18.37 10.54 -15.72
CA HIS A 45 -19.18 9.55 -15.03
C HIS A 45 -19.48 10.13 -13.66
N ARG A 46 -20.74 10.48 -13.43
CA ARG A 46 -21.20 11.10 -12.19
C ARG A 46 -20.92 10.29 -10.94
N GLU A 47 -21.26 9.00 -10.93
CA GLU A 47 -21.08 8.09 -9.78
C GLU A 47 -19.64 7.81 -9.48
N LEU A 48 -18.83 7.65 -10.55
CA LEU A 48 -17.40 7.38 -10.33
C LEU A 48 -16.70 8.63 -9.84
N THR A 49 -17.19 9.83 -10.24
CA THR A 49 -16.67 11.12 -9.81
C THR A 49 -16.94 11.32 -8.34
N ASP A 50 -18.12 10.90 -7.88
CA ASP A 50 -18.50 11.00 -6.47
C ASP A 50 -17.60 10.14 -5.57
N ILE A 51 -17.20 8.95 -6.08
CA ILE A 51 -16.27 8.03 -5.41
C ILE A 51 -14.96 8.72 -5.14
N PHE A 52 -14.40 9.45 -6.15
CA PHE A 52 -13.14 10.18 -5.95
C PHE A 52 -13.30 11.42 -5.08
N ALA A 53 -14.42 12.14 -5.22
CA ALA A 53 -14.74 13.37 -4.49
C ALA A 53 -14.79 13.15 -2.98
N ASN A 54 -15.19 11.92 -2.57
CA ASN A 54 -15.32 11.52 -1.18
C ASN A 54 -14.39 10.37 -0.77
N LEU A 55 -13.25 10.23 -1.46
CA LEU A 55 -12.29 9.17 -1.14
C LEU A 55 -11.66 9.36 0.22
N ASN A 56 -11.36 8.25 0.86
CA ASN A 56 -10.62 8.19 2.09
C ASN A 56 -9.35 7.37 1.74
N TYR A 57 -8.19 8.04 1.61
CA TYR A 57 -6.97 7.37 1.22
C TYR A 57 -6.40 6.35 2.24
N VAL A 58 -6.20 5.07 1.80
CA VAL A 58 -5.67 3.95 2.62
C VAL A 58 -4.18 3.81 2.42
N GLY A 59 -3.71 3.60 1.18
CA GLY A 59 -2.29 3.48 0.91
C GLY A 59 -1.93 2.90 -0.44
N VAL A 60 -0.63 2.72 -0.70
CA VAL A 60 -0.07 2.15 -1.93
C VAL A 60 -0.06 0.63 -1.78
N VAL A 61 -0.53 -0.05 -2.82
CA VAL A 61 -0.53 -1.51 -2.88
C VAL A 61 0.68 -1.97 -3.72
N ASP A 62 0.88 -1.39 -4.93
CA ASP A 62 1.95 -1.74 -5.84
C ASP A 62 2.49 -0.51 -6.55
N GLU A 63 3.76 -0.20 -6.30
CA GLU A 63 4.48 0.96 -6.84
C GLU A 63 4.92 0.72 -8.28
N GLU A 64 4.95 -0.57 -8.69
CA GLU A 64 5.33 -1.05 -10.02
C GLU A 64 4.15 -0.98 -10.94
N ARG A 65 3.04 -1.66 -10.57
CA ARG A 65 1.78 -1.71 -11.33
C ARG A 65 0.98 -0.44 -11.10
N ARG A 66 1.38 0.33 -10.09
CA ARG A 66 0.78 1.60 -9.66
C ARG A 66 -0.68 1.43 -9.22
N LEU A 67 -0.86 0.64 -8.14
CA LEU A 67 -2.16 0.40 -7.53
C LEU A 67 -2.18 1.06 -6.17
N ALA A 68 -3.26 1.81 -5.87
CA ALA A 68 -3.44 2.45 -4.56
C ALA A 68 -4.78 1.98 -4.04
N ALA A 69 -4.93 1.88 -2.72
CA ALA A 69 -6.20 1.47 -2.10
C ALA A 69 -6.85 2.68 -1.44
N ILE A 70 -8.15 2.85 -1.70
CA ILE A 70 -8.96 3.94 -1.14
C ILE A 70 -10.21 3.37 -0.54
N GLN A 71 -10.77 4.09 0.42
CA GLN A 71 -12.05 3.74 0.99
C GLN A 71 -13.10 4.73 0.50
N HIS A 72 -14.25 4.23 0.07
CA HIS A 72 -15.38 5.06 -0.26
C HIS A 72 -16.56 4.44 0.47
N ASP A 73 -17.12 5.20 1.42
CA ASP A 73 -18.22 4.80 2.29
C ASP A 73 -17.93 3.45 2.97
N LEU A 74 -18.63 2.40 2.50
CA LEU A 74 -18.58 1.05 3.02
C LEU A 74 -17.66 0.14 2.25
N LYS A 75 -17.04 0.66 1.19
CA LYS A 75 -16.19 -0.15 0.31
C LYS A 75 -14.73 0.21 0.28
N LEU A 76 -13.91 -0.80 -0.02
CA LEU A 76 -12.48 -0.63 -0.23
C LEU A 76 -12.22 -0.84 -1.73
N PHE A 77 -11.64 0.17 -2.38
CA PHE A 77 -11.31 0.11 -3.80
C PHE A 77 -9.81 0.04 -4.06
N LEU A 78 -9.47 -0.62 -5.15
CA LEU A 78 -8.13 -0.74 -5.68
C LEU A 78 -8.16 0.16 -6.91
N ILE A 79 -7.32 1.18 -6.92
CA ILE A 79 -7.27 2.19 -7.99
C ILE A 79 -5.96 2.09 -8.76
N ASP A 80 -5.99 2.27 -10.09
CA ASP A 80 -4.76 2.35 -10.88
C ASP A 80 -4.48 3.85 -10.99
N TYR A 81 -3.59 4.37 -10.12
CA TYR A 81 -3.26 5.81 -10.13
C TYR A 81 -2.44 6.26 -11.36
N GLY A 82 -1.94 5.31 -12.16
CA GLY A 82 -1.25 5.67 -13.38
C GLY A 82 -2.28 6.29 -14.30
N SER A 83 -3.44 5.62 -14.38
CA SER A 83 -4.60 5.99 -15.19
C SER A 83 -5.31 7.25 -14.67
N VAL A 84 -5.42 7.40 -13.36
CA VAL A 84 -6.08 8.55 -12.73
C VAL A 84 -5.25 9.82 -12.89
N CYS A 85 -3.92 9.72 -12.63
CA CYS A 85 -3.01 10.87 -12.79
C CYS A 85 -2.94 11.31 -14.22
N TYR A 86 -3.02 10.35 -15.11
CA TYR A 86 -3.06 10.65 -16.51
C TYR A 86 -4.24 11.61 -16.84
N GLU A 87 -5.47 11.27 -16.45
CA GLU A 87 -6.65 12.09 -16.72
C GLU A 87 -6.62 13.38 -15.90
N LEU A 88 -6.12 13.31 -14.65
CA LEU A 88 -5.98 14.46 -13.75
C LEU A 88 -5.06 15.51 -14.36
N PHE A 89 -3.85 15.10 -14.77
CA PHE A 89 -2.89 16.06 -15.34
C PHE A 89 -3.34 16.57 -16.68
N TYR A 90 -4.10 15.74 -17.40
CA TYR A 90 -4.68 16.11 -18.69
C TYR A 90 -5.70 17.23 -18.45
N GLN A 91 -6.59 17.06 -17.44
CA GLN A 91 -7.64 17.99 -17.05
C GLN A 91 -7.08 19.33 -16.55
N ILE A 92 -6.01 19.28 -15.74
CA ILE A 92 -5.29 20.46 -15.20
C ILE A 92 -4.69 21.23 -16.39
N GLY A 93 -4.10 20.49 -17.31
CA GLY A 93 -3.50 21.04 -18.52
C GLY A 93 -4.54 21.78 -19.34
N LEU A 94 -5.72 21.16 -19.51
CA LEU A 94 -6.83 21.75 -20.23
C LEU A 94 -7.34 23.04 -19.57
N THR A 95 -7.41 23.08 -18.24
CA THR A 95 -7.90 24.24 -17.49
C THR A 95 -6.88 25.38 -17.44
N ASP A 96 -5.60 25.09 -17.19
CA ASP A 96 -4.58 26.13 -17.08
C ASP A 96 -3.81 26.49 -18.36
N PHE A 97 -4.26 25.96 -19.50
CA PHE A 97 -3.71 26.18 -20.83
C PHE A 97 -3.39 27.67 -21.05
N ALA A 98 -2.15 27.98 -21.50
CA ALA A 98 -1.64 29.35 -21.72
C ALA A 98 -1.47 30.21 -20.42
N ASN A 99 -1.64 29.61 -19.23
CA ASN A 99 -1.48 30.30 -17.94
C ASN A 99 -0.69 29.44 -16.92
N PHE A 100 0.25 28.64 -17.42
CA PHE A 100 1.00 27.76 -16.55
C PHE A 100 2.16 28.46 -15.92
N GLY A 101 2.45 28.06 -14.67
CA GLY A 101 3.66 28.45 -13.95
C GLY A 101 4.79 27.62 -14.54
N LYS A 102 6.06 27.93 -14.19
CA LYS A 102 7.23 27.22 -14.73
C LYS A 102 8.04 26.49 -13.68
N ILE A 103 8.54 25.33 -14.06
CA ILE A 103 9.52 24.57 -13.29
C ILE A 103 10.81 24.92 -14.03
N ASN A 104 11.64 25.79 -13.44
CA ASN A 104 12.92 26.15 -14.03
C ASN A 104 13.87 24.98 -13.87
N LEU A 105 14.22 24.37 -14.99
CA LEU A 105 15.07 23.20 -15.04
C LEU A 105 16.57 23.51 -15.04
N GLN A 106 16.98 24.79 -15.14
CA GLN A 106 18.40 25.15 -15.16
C GLN A 106 18.99 25.71 -13.88
N SER A 107 20.21 25.21 -13.55
CA SER A 107 21.01 25.66 -12.41
C SER A 107 22.24 26.44 -12.85
N THR A 108 23.16 26.70 -11.90
CA THR A 108 24.43 27.34 -12.20
C THR A 108 25.39 26.29 -12.81
N ASN A 109 25.00 25.00 -12.76
CA ASN A 109 25.78 23.89 -13.29
C ASN A 109 25.31 23.62 -14.69
N VAL A 110 26.09 24.11 -15.64
CA VAL A 110 25.86 24.00 -17.09
C VAL A 110 25.89 22.52 -17.53
N SER A 111 26.67 21.68 -16.83
CA SER A 111 26.81 20.26 -17.11
C SER A 111 25.53 19.47 -16.81
N ASP A 112 24.58 20.06 -16.03
CA ASP A 112 23.31 19.45 -15.63
C ASP A 112 22.17 19.73 -16.60
N ASP A 113 22.44 20.56 -17.64
CA ASP A 113 21.50 20.95 -18.69
C ASP A 113 20.85 19.77 -19.41
N ILE A 114 19.65 19.98 -19.89
CA ILE A 114 18.95 18.91 -20.58
C ILE A 114 19.01 19.14 -22.07
N VAL A 115 19.84 18.36 -22.79
CA VAL A 115 20.04 18.43 -24.26
C VAL A 115 19.12 17.42 -24.93
N LEU A 116 18.23 17.88 -25.83
CA LEU A 116 17.24 17.01 -26.50
C LEU A 116 17.90 15.88 -27.29
N TYR A 117 19.02 16.20 -27.99
CA TYR A 117 19.76 15.24 -28.79
C TYR A 117 20.29 14.09 -27.90
N ASN A 118 20.74 14.43 -26.67
CA ASN A 118 21.26 13.52 -25.65
C ASN A 118 20.16 12.58 -25.13
N LEU A 119 18.93 13.11 -24.96
CA LEU A 119 17.75 12.35 -24.53
C LEU A 119 17.33 11.33 -25.59
N LEU A 120 17.34 11.72 -26.89
CA LEU A 120 16.94 10.87 -28.00
C LEU A 120 17.89 9.72 -28.28
N SER A 121 19.06 9.79 -27.66
CA SER A 121 20.11 8.78 -27.79
C SER A 121 19.76 7.50 -27.03
N GLU A 122 18.68 7.54 -26.26
CA GLU A 122 18.17 6.42 -25.49
C GLU A 122 17.44 5.45 -26.43
N PHE A 123 17.09 5.94 -27.64
CA PHE A 123 16.34 5.20 -28.66
C PHE A 123 17.25 4.70 -29.74
N ASP A 124 17.54 3.39 -29.71
CA ASP A 124 18.41 2.69 -30.65
C ASP A 124 17.88 2.69 -32.08
N GLU A 125 16.56 2.88 -32.24
CA GLU A 125 15.90 2.94 -33.54
C GLU A 125 16.16 4.27 -34.25
N LEU A 126 16.57 5.30 -33.48
CA LEU A 126 17.01 6.59 -34.01
C LEU A 126 18.54 6.48 -34.21
N ASN A 127 18.96 5.39 -34.88
CA ASN A 127 20.35 4.98 -35.16
C ASN A 127 21.24 5.97 -35.94
N ASP A 128 20.70 7.12 -36.35
CA ASP A 128 21.48 8.14 -37.06
C ASP A 128 21.19 9.52 -36.52
N ASP A 129 22.22 10.40 -36.46
CA ASP A 129 22.14 11.79 -36.02
C ASP A 129 20.95 12.52 -36.70
N ALA A 130 20.75 12.30 -38.02
CA ALA A 130 19.69 12.90 -38.85
C ALA A 130 18.28 12.60 -38.35
N SER A 131 17.99 11.34 -37.97
CA SER A 131 16.67 10.94 -37.45
C SER A 131 16.37 11.63 -36.10
N LYS A 132 17.38 11.82 -35.24
CA LYS A 132 17.26 12.54 -33.96
C LYS A 132 17.09 14.03 -34.31
N GLU A 133 17.83 14.52 -35.30
CA GLU A 133 17.74 15.91 -35.76
C GLU A 133 16.39 16.24 -36.37
N LYS A 134 15.73 15.25 -37.01
CA LYS A 134 14.40 15.37 -37.59
C LYS A 134 13.38 15.74 -36.49
N ILE A 135 13.39 14.98 -35.35
CA ILE A 135 12.53 15.17 -34.19
C ILE A 135 12.74 16.53 -33.53
N ILE A 136 14.02 16.92 -33.32
CA ILE A 136 14.39 18.19 -32.67
C ILE A 136 13.99 19.37 -33.54
N SER A 137 14.07 19.20 -34.88
CA SER A 137 13.70 20.25 -35.81
C SER A 137 12.21 20.61 -35.66
N LYS A 138 11.30 19.61 -35.65
CA LYS A 138 9.88 19.91 -35.50
C LYS A 138 9.60 20.64 -34.19
N ILE A 139 10.01 20.04 -33.07
CA ILE A 139 9.90 20.60 -31.73
C ILE A 139 10.43 22.05 -31.72
N TRP A 140 11.66 22.27 -32.23
CA TRP A 140 12.31 23.58 -32.25
C TRP A 140 11.58 24.66 -33.03
N ASP A 141 10.97 24.31 -34.19
CA ASP A 141 10.21 25.24 -35.02
C ASP A 141 8.93 25.71 -34.35
N MET A 142 8.45 24.91 -33.40
CA MET A 142 7.25 25.19 -32.65
C MET A 142 7.52 25.72 -31.25
N SER A 143 8.76 26.14 -30.97
CA SER A 143 9.17 26.64 -29.67
C SER A 143 8.47 27.89 -29.20
N SER A 144 8.08 28.81 -30.09
CA SER A 144 7.35 30.02 -29.69
C SER A 144 5.99 29.66 -29.04
N MET A 145 5.20 28.75 -29.68
CA MET A 145 3.92 28.28 -29.16
C MET A 145 4.09 27.35 -27.95
N LEU A 146 5.10 26.42 -27.98
CA LEU A 146 5.33 25.49 -26.88
C LEU A 146 5.60 26.27 -25.63
N ASN A 147 6.30 27.42 -25.76
CA ASN A 147 6.57 28.26 -24.62
C ASN A 147 5.36 29.05 -24.18
N GLU A 148 4.68 29.73 -25.14
CA GLU A 148 3.53 30.59 -24.86
C GLU A 148 2.32 29.87 -24.21
N TYR A 149 1.89 28.76 -24.84
CA TYR A 149 0.74 27.93 -24.48
C TYR A 149 1.02 26.91 -23.39
N TYR A 150 2.21 26.28 -23.38
CA TYR A 150 2.52 25.19 -22.45
C TYR A 150 3.61 25.38 -21.42
N SER A 151 4.32 26.51 -21.46
CA SER A 151 5.44 26.81 -20.57
C SER A 151 6.58 25.79 -20.75
N ILE A 152 6.65 25.16 -21.96
CA ILE A 152 7.70 24.22 -22.37
C ILE A 152 8.68 25.14 -23.09
N GLU A 153 9.70 25.60 -22.39
CA GLU A 153 10.70 26.50 -22.92
C GLU A 153 11.96 25.78 -23.39
N LEU A 154 12.26 25.95 -24.67
CA LEU A 154 13.44 25.41 -25.34
C LEU A 154 14.34 26.55 -25.72
N VAL A 155 15.63 26.36 -25.51
CA VAL A 155 16.63 27.37 -25.77
C VAL A 155 17.77 26.76 -26.58
N ASN A 156 18.51 27.58 -27.31
CA ASN A 156 19.65 27.12 -28.09
C ASN A 156 20.91 27.84 -27.60
N ASP A 157 21.88 27.06 -27.06
CA ASP A 157 23.10 27.60 -26.47
C ASP A 157 24.16 28.14 -27.43
N GLY A 158 24.26 27.54 -28.62
CA GLY A 158 25.21 27.96 -29.66
C GLY A 158 24.52 28.77 -30.73
N LEU A 159 24.75 28.42 -32.02
CA LEU A 159 24.12 29.08 -33.18
C LEU A 159 22.71 28.45 -33.38
N ASP A 160 21.69 29.28 -33.71
CA ASP A 160 20.26 28.91 -33.94
C ASP A 160 20.01 27.57 -34.68
N ASN A 161 20.86 27.25 -35.68
CA ASN A 161 20.74 26.03 -36.49
C ASN A 161 21.38 24.78 -35.86
N ASP A 162 21.99 24.93 -34.67
CA ASP A 162 22.60 23.78 -34.02
C ASP A 162 21.61 23.00 -33.17
N LEU A 163 20.89 22.06 -33.84
CA LEU A 163 19.88 21.18 -33.21
C LEU A 163 20.44 20.32 -32.09
N LYS A 164 21.73 19.94 -32.19
CA LYS A 164 22.45 19.14 -31.21
C LYS A 164 22.69 19.94 -29.94
N SER A 165 22.52 21.27 -29.98
CA SER A 165 22.68 22.12 -28.80
C SER A 165 21.34 22.73 -28.29
N VAL A 166 20.19 22.14 -28.73
CA VAL A 166 18.85 22.55 -28.31
C VAL A 166 18.59 21.97 -26.89
N LYS A 167 18.20 22.87 -25.96
CA LYS A 167 18.01 22.57 -24.55
C LYS A 167 16.63 22.88 -24.02
N LEU A 168 16.19 22.11 -23.00
CA LEU A 168 14.91 22.28 -22.32
C LEU A 168 15.18 23.08 -21.05
N LYS A 169 14.73 24.35 -21.01
CA LYS A 169 14.93 25.28 -19.91
C LYS A 169 13.82 25.25 -18.86
N SER A 170 12.55 25.10 -19.29
CA SER A 170 11.42 25.09 -18.36
C SER A 170 10.40 24.09 -18.80
N LEU A 171 9.60 23.59 -17.84
CA LEU A 171 8.45 22.73 -18.05
C LEU A 171 7.21 23.39 -17.38
N PRO A 172 5.95 23.05 -17.76
CA PRO A 172 4.80 23.67 -17.07
C PRO A 172 4.71 23.15 -15.65
N LEU A 173 4.32 24.01 -14.69
CA LEU A 173 4.11 23.64 -13.29
C LEU A 173 2.65 23.40 -13.14
N LEU A 174 2.24 22.11 -13.16
CA LEU A 174 0.81 21.76 -13.11
C LEU A 174 0.17 21.78 -11.73
N LEU A 175 0.90 21.36 -10.73
CA LEU A 175 0.38 21.24 -9.37
C LEU A 175 1.37 21.72 -8.34
N LYS A 176 0.96 22.67 -7.50
CA LYS A 176 1.82 23.22 -6.44
C LYS A 176 2.25 22.06 -5.53
N GLY A 177 3.54 21.96 -5.22
CA GLY A 177 4.06 20.88 -4.38
C GLY A 177 4.44 19.65 -5.17
N TYR A 178 4.27 19.71 -6.49
CA TYR A 178 4.61 18.58 -7.34
C TYR A 178 5.64 18.96 -8.37
N ILE A 179 6.70 18.15 -8.49
CA ILE A 179 7.76 18.27 -9.50
C ILE A 179 7.87 16.86 -10.07
N PRO A 180 7.52 16.67 -11.36
CA PRO A 180 7.57 15.31 -11.92
C PRO A 180 9.00 14.80 -12.04
N SER A 181 9.13 13.47 -12.03
CA SER A 181 10.38 12.79 -12.29
C SER A 181 10.71 13.02 -13.78
N LEU A 182 11.99 13.17 -14.06
CA LEU A 182 12.39 13.44 -15.43
C LEU A 182 12.91 12.19 -16.14
N VAL A 183 12.76 11.00 -15.52
CA VAL A 183 13.16 9.70 -16.09
C VAL A 183 12.47 9.47 -17.44
N LYS A 184 11.23 9.94 -17.58
CA LYS A 184 10.49 9.79 -18.82
C LYS A 184 10.72 10.92 -19.83
N LEU A 185 11.63 11.90 -19.56
CA LEU A 185 11.94 12.96 -20.56
C LEU A 185 12.28 12.40 -21.96
N PRO A 186 13.12 11.31 -22.12
CA PRO A 186 13.36 10.76 -23.48
C PRO A 186 12.07 10.47 -24.27
N PHE A 187 11.06 9.80 -23.61
CA PHE A 187 9.76 9.46 -24.19
C PHE A 187 8.97 10.69 -24.55
N PHE A 188 9.01 11.72 -23.70
CA PHE A 188 8.33 12.99 -23.88
C PHE A 188 8.76 13.65 -25.18
N ILE A 189 10.09 13.74 -25.43
CA ILE A 189 10.67 14.33 -26.63
C ILE A 189 10.41 13.48 -27.85
N TYR A 190 10.68 12.16 -27.75
CA TYR A 190 10.42 11.22 -28.83
C TYR A 190 8.93 11.27 -29.27
N ARG A 191 7.97 11.29 -28.31
CA ARG A 191 6.54 11.32 -28.64
C ARG A 191 6.09 12.68 -29.14
N LEU A 192 6.65 13.77 -28.60
CA LEU A 192 6.39 15.13 -29.07
C LEU A 192 6.83 15.24 -30.57
N GLY A 193 8.00 14.65 -30.89
CA GLY A 193 8.54 14.64 -32.24
C GLY A 193 7.95 13.63 -33.21
N LYS A 194 7.37 12.52 -32.72
CA LYS A 194 6.79 11.48 -33.59
C LYS A 194 5.28 11.19 -33.46
N GLU A 195 4.69 11.39 -32.29
CA GLU A 195 3.26 11.11 -32.11
C GLU A 195 2.32 12.31 -32.34
N VAL A 196 2.74 13.52 -31.95
CA VAL A 196 1.91 14.74 -32.08
C VAL A 196 1.68 15.10 -33.55
N ASP A 197 0.39 15.27 -33.93
CA ASP A 197 -0.03 15.68 -35.26
C ASP A 197 0.07 17.20 -35.29
N TRP A 198 1.28 17.72 -35.60
CA TRP A 198 1.56 19.15 -35.70
C TRP A 198 0.75 19.89 -36.78
N GLU A 199 0.16 19.16 -37.74
CA GLU A 199 -0.60 19.78 -38.83
C GLU A 199 -1.99 20.31 -38.49
N ASP A 200 -2.71 19.67 -37.56
CA ASP A 200 -4.06 20.08 -37.20
C ASP A 200 -4.07 20.73 -35.82
N GLU A 201 -4.50 22.02 -35.72
CA GLU A 201 -4.56 22.79 -34.47
C GLU A 201 -5.11 22.05 -33.24
N GLN A 202 -6.31 21.47 -33.35
CA GLN A 202 -6.95 20.75 -32.28
C GLN A 202 -6.21 19.49 -31.92
N GLU A 203 -5.87 18.65 -32.91
CA GLU A 203 -5.11 17.42 -32.67
C GLU A 203 -3.71 17.65 -32.10
N CYS A 204 -3.06 18.74 -32.54
CA CYS A 204 -1.74 19.13 -32.07
C CYS A 204 -1.81 19.51 -30.58
N LEU A 205 -2.72 20.44 -30.24
CA LEU A 205 -2.97 20.92 -28.88
C LEU A 205 -3.34 19.81 -27.90
N ASP A 206 -4.24 18.91 -28.31
CA ASP A 206 -4.66 17.75 -27.53
C ASP A 206 -3.44 16.86 -27.27
N GLY A 207 -2.68 16.59 -28.34
CA GLY A 207 -1.47 15.78 -28.34
C GLY A 207 -0.43 16.24 -27.35
N ILE A 208 -0.15 17.57 -27.29
CA ILE A 208 0.81 18.15 -26.34
C ILE A 208 0.35 17.99 -24.92
N LEU A 209 -0.93 18.31 -24.63
CA LEU A 209 -1.55 18.13 -23.30
C LEU A 209 -1.45 16.67 -22.88
N ARG A 210 -1.62 15.72 -23.83
CA ARG A 210 -1.49 14.30 -23.53
C ARG A 210 -0.05 13.93 -23.18
N GLU A 211 0.93 14.52 -23.89
CA GLU A 211 2.36 14.29 -23.64
C GLU A 211 2.80 14.80 -22.29
N ILE A 212 2.31 15.98 -21.90
CA ILE A 212 2.61 16.58 -20.59
C ILE A 212 1.99 15.67 -19.51
N ALA A 213 0.72 15.29 -19.67
CA ALA A 213 0.04 14.39 -18.74
C ALA A 213 0.80 13.06 -18.58
N LEU A 214 1.25 12.45 -19.69
CA LEU A 214 2.01 11.19 -19.66
C LEU A 214 3.33 11.32 -18.89
N LEU A 215 4.11 12.39 -19.14
CA LEU A 215 5.37 12.66 -18.44
C LEU A 215 5.16 12.87 -16.92
N TYR A 216 4.06 13.54 -16.55
CA TYR A 216 3.70 13.88 -15.17
C TYR A 216 3.25 12.73 -14.29
N ILE A 217 2.84 11.60 -14.87
CA ILE A 217 2.38 10.45 -14.08
C ILE A 217 3.55 9.93 -13.23
N PRO A 218 3.40 9.75 -11.89
CA PRO A 218 4.52 9.19 -11.10
C PRO A 218 5.11 7.91 -11.72
N ASP A 219 6.41 7.74 -11.63
CA ASP A 219 7.08 6.59 -12.27
C ASP A 219 6.64 5.23 -11.77
N MET A 220 6.85 4.19 -12.57
CA MET A 220 6.66 2.81 -12.18
C MET A 220 7.93 2.46 -11.41
N VAL A 221 7.78 2.00 -10.15
CA VAL A 221 8.94 1.62 -9.34
C VAL A 221 8.98 0.08 -9.30
N PRO A 222 9.88 -0.59 -10.05
CA PRO A 222 9.91 -2.06 -10.00
C PRO A 222 10.19 -2.59 -8.58
N LYS A 223 9.64 -3.77 -8.26
CA LYS A 223 9.84 -4.45 -6.98
C LYS A 223 11.27 -4.97 -6.90
N VAL A 224 11.91 -4.77 -5.73
CA VAL A 224 13.27 -5.21 -5.42
C VAL A 224 13.15 -6.08 -4.17
N ASP A 225 13.84 -7.25 -4.15
CA ASP A 225 13.81 -8.21 -3.04
C ASP A 225 14.79 -7.82 -1.92
N THR A 226 14.24 -7.30 -0.81
CA THR A 226 15.02 -6.85 0.36
C THR A 226 15.68 -7.99 1.14
N SER A 227 15.19 -9.24 0.95
CA SER A 227 15.72 -10.44 1.61
C SER A 227 16.93 -11.03 0.88
N ASP A 228 17.06 -10.77 -0.44
CA ASP A 228 18.15 -11.25 -1.29
C ASP A 228 19.50 -10.63 -0.90
N ALA A 229 20.39 -11.47 -0.32
CA ALA A 229 21.74 -11.09 0.10
C ALA A 229 22.63 -10.79 -1.11
N SER A 230 22.24 -11.32 -2.29
CA SER A 230 22.91 -11.16 -3.58
C SER A 230 22.86 -9.72 -4.11
N LEU A 231 21.83 -8.96 -3.72
CA LEU A 231 21.62 -7.57 -4.13
C LEU A 231 22.35 -6.62 -3.14
N SER A 232 23.07 -5.61 -3.68
CA SER A 232 23.89 -4.66 -2.89
C SER A 232 23.16 -3.82 -1.87
N GLU A 233 23.90 -3.36 -0.84
CA GLU A 233 23.41 -2.55 0.28
C GLU A 233 22.87 -1.20 -0.19
N ASP A 234 23.56 -0.57 -1.17
CA ASP A 234 23.19 0.71 -1.74
C ASP A 234 21.93 0.67 -2.60
N GLU A 235 21.63 -0.51 -3.22
CA GLU A 235 20.44 -0.72 -4.06
C GLU A 235 19.18 -0.83 -3.18
N LYS A 236 19.37 -1.26 -1.91
CA LYS A 236 18.30 -1.44 -0.93
C LYS A 236 17.72 -0.11 -0.46
N ALA A 237 18.49 0.70 0.31
CA ALA A 237 18.06 2.03 0.81
C ALA A 237 17.56 2.94 -0.31
N GLN A 238 17.99 2.68 -1.57
CA GLN A 238 17.58 3.42 -2.76
C GLN A 238 16.19 3.00 -3.20
N PHE A 239 15.83 1.70 -3.06
CA PHE A 239 14.48 1.22 -3.39
C PHE A 239 13.56 1.76 -2.31
N ILE A 240 13.97 1.61 -1.01
CA ILE A 240 13.26 2.11 0.17
C ILE A 240 12.98 3.62 0.06
N ASN A 241 13.94 4.41 -0.47
CA ASN A 241 13.73 5.84 -0.67
C ASN A 241 12.69 6.08 -1.75
N ARG A 242 12.74 5.33 -2.89
CA ARG A 242 11.79 5.51 -4.00
C ARG A 242 10.37 5.14 -3.60
N LYS A 243 10.24 4.05 -2.80
CA LYS A 243 9.03 3.49 -2.19
C LYS A 243 8.41 4.57 -1.29
N GLU A 244 9.23 5.22 -0.44
CA GLU A 244 8.82 6.28 0.48
C GLU A 244 8.37 7.55 -0.24
N HIS A 245 9.15 7.98 -1.24
CA HIS A 245 8.90 9.17 -2.05
CA HIS A 245 8.88 9.18 -2.02
C HIS A 245 7.52 9.14 -2.71
N ILE A 246 7.11 7.96 -3.24
CA ILE A 246 5.81 7.75 -3.91
C ILE A 246 4.66 7.76 -2.89
N SER A 247 4.83 7.03 -1.79
CA SER A 247 3.83 6.96 -0.72
C SER A 247 3.51 8.36 -0.21
N SER A 248 4.55 9.17 -0.03
CA SER A 248 4.44 10.55 0.46
C SER A 248 3.78 11.44 -0.60
N LEU A 249 4.19 11.28 -1.88
CA LEU A 249 3.64 11.98 -3.02
C LEU A 249 2.14 11.73 -3.15
N LEU A 250 1.74 10.44 -3.18
CA LEU A 250 0.35 10.05 -3.29
C LEU A 250 -0.50 10.56 -2.16
N GLU A 251 -0.01 10.41 -0.96
CA GLU A 251 -0.71 10.80 0.25
C GLU A 251 -0.75 12.31 0.47
N HIS A 252 0.32 13.05 0.19
CA HIS A 252 0.25 14.47 0.53
C HIS A 252 -0.04 15.43 -0.57
N VAL A 253 0.23 15.02 -1.81
CA VAL A 253 0.05 15.89 -2.97
C VAL A 253 -1.05 15.41 -3.92
N LEU A 254 -0.90 14.19 -4.45
CA LEU A 254 -1.79 13.62 -5.46
C LEU A 254 -3.21 13.33 -5.08
N PHE A 255 -3.44 12.42 -4.10
CA PHE A 255 -4.81 12.11 -3.64
C PHE A 255 -5.59 13.31 -3.13
N PRO A 256 -5.01 14.25 -2.33
CA PRO A 256 -5.75 15.48 -1.99
C PRO A 256 -6.19 16.27 -3.22
N CYS A 257 -5.39 16.34 -4.30
CA CYS A 257 -5.76 17.02 -5.57
C CYS A 257 -6.85 16.26 -6.27
N ILE A 258 -6.68 14.93 -6.42
CA ILE A 258 -7.68 14.01 -7.01
C ILE A 258 -9.03 14.20 -6.30
N LYS A 259 -9.01 14.23 -4.95
CA LYS A 259 -10.21 14.33 -4.11
C LYS A 259 -10.99 15.65 -4.26
N ARG A 260 -10.25 16.73 -4.49
CA ARG A 260 -10.67 18.11 -4.62
C ARG A 260 -11.18 18.51 -6.05
N ARG A 261 -10.60 17.96 -7.15
CA ARG A 261 -10.96 18.39 -8.50
C ARG A 261 -11.16 17.31 -9.59
N PHE A 262 -10.84 16.04 -9.31
CA PHE A 262 -10.93 15.01 -10.33
C PHE A 262 -12.33 14.69 -10.83
N LEU A 263 -12.45 14.72 -12.17
CA LEU A 263 -13.65 14.41 -12.93
C LEU A 263 -13.35 13.06 -13.54
N ALA A 264 -14.08 12.03 -13.15
CA ALA A 264 -13.82 10.68 -13.65
C ALA A 264 -14.47 10.36 -15.01
N PRO A 265 -13.67 10.15 -16.07
CA PRO A 265 -14.25 9.74 -17.35
C PRO A 265 -14.79 8.31 -17.25
N ARG A 266 -15.76 7.96 -18.04
CA ARG A 266 -16.36 6.62 -18.03
C ARG A 266 -15.41 5.51 -18.42
N HIS A 267 -14.40 5.80 -19.25
CA HIS A 267 -13.42 4.82 -19.69
C HIS A 267 -12.50 4.31 -18.56
N ILE A 268 -12.65 4.88 -17.34
CA ILE A 268 -11.85 4.57 -16.15
C ILE A 268 -12.45 3.56 -15.21
N LEU A 269 -13.69 3.11 -15.48
CA LEU A 269 -14.37 2.09 -14.66
C LEU A 269 -13.57 0.80 -14.52
N LYS A 270 -12.79 0.45 -15.55
CA LYS A 270 -11.92 -0.74 -15.59
C LYS A 270 -10.75 -0.58 -14.59
N ASP A 271 -10.39 0.68 -14.24
CA ASP A 271 -9.26 1.08 -13.39
C ASP A 271 -9.57 1.23 -11.89
N VAL A 272 -10.86 1.14 -11.53
CA VAL A 272 -11.39 1.23 -10.16
C VAL A 272 -12.08 -0.12 -9.88
N VAL A 273 -11.60 -0.89 -8.90
CA VAL A 273 -12.16 -2.22 -8.58
C VAL A 273 -12.48 -2.36 -7.09
N GLU A 274 -13.75 -2.73 -6.78
CA GLU A 274 -14.20 -3.01 -5.42
C GLU A 274 -13.59 -4.34 -5.00
N ILE A 275 -12.89 -4.33 -3.86
CA ILE A 275 -12.18 -5.49 -3.34
C ILE A 275 -12.73 -6.05 -2.03
N ALA A 276 -13.43 -5.20 -1.23
CA ALA A 276 -14.03 -5.58 0.04
C ALA A 276 -15.13 -4.61 0.45
N ASN A 277 -16.05 -5.07 1.30
CA ASN A 277 -17.12 -4.23 1.82
C ASN A 277 -17.35 -4.52 3.30
N LEU A 278 -17.56 -3.46 4.09
CA LEU A 278 -17.76 -3.54 5.53
C LEU A 278 -18.89 -4.47 5.97
N PRO A 279 -20.08 -4.44 5.32
CA PRO A 279 -21.14 -5.38 5.71
C PRO A 279 -20.67 -6.85 5.66
N ASP A 280 -19.96 -7.23 4.58
CA ASP A 280 -19.42 -8.58 4.43
C ASP A 280 -18.32 -8.88 5.40
N LEU A 281 -17.39 -7.93 5.61
CA LEU A 281 -16.28 -8.08 6.57
C LEU A 281 -16.79 -8.26 7.99
N TYR A 282 -17.78 -7.44 8.39
CA TYR A 282 -18.38 -7.50 9.72
C TYR A 282 -19.24 -8.77 9.99
N LYS A 283 -19.33 -9.69 9.01
CA LYS A 283 -20.01 -10.97 9.20
C LYS A 283 -18.97 -11.99 9.63
N VAL A 284 -17.67 -11.75 9.29
CA VAL A 284 -16.57 -12.63 9.69
C VAL A 284 -15.76 -12.09 10.91
N PHE A 285 -15.29 -10.83 10.83
CA PHE A 285 -14.57 -10.14 11.90
C PHE A 285 -15.56 -9.64 12.95
N GLU A 286 -15.47 -10.16 14.18
CA GLU A 286 -16.45 -9.81 15.22
C GLU A 286 -15.79 -9.46 16.55
N ARG A 287 -16.50 -8.70 17.39
CA ARG A 287 -16.04 -8.30 18.70
C ARG A 287 -15.84 -9.54 19.59
N CYS A 288 -14.87 -9.43 20.51
CA CYS A 288 -14.51 -10.49 21.43
C CYS A 288 -15.67 -10.70 22.34
N GLU B 18 -23.89 -20.96 6.40
CA GLU B 18 -23.09 -19.75 6.20
C GLU B 18 -21.70 -19.81 6.86
N LEU B 19 -21.56 -20.59 7.96
CA LEU B 19 -20.31 -20.79 8.72
C LEU B 19 -19.18 -21.49 7.92
N GLU B 20 -19.55 -22.11 6.77
CA GLU B 20 -18.63 -22.79 5.87
C GLU B 20 -17.68 -21.78 5.23
N ASP B 21 -18.16 -20.53 4.97
CA ASP B 21 -17.38 -19.41 4.42
C ASP B 21 -16.31 -18.95 5.42
N PHE B 22 -16.58 -19.10 6.74
CA PHE B 22 -15.64 -18.78 7.82
C PHE B 22 -14.55 -19.87 7.87
N GLU B 23 -14.97 -21.16 7.79
CA GLU B 23 -14.10 -22.35 7.82
C GLU B 23 -13.08 -22.38 6.69
N GLN B 24 -13.53 -22.15 5.43
CA GLN B 24 -12.69 -22.13 4.22
C GLN B 24 -11.63 -21.01 4.25
N GLY B 25 -11.90 -19.94 5.02
CA GLY B 25 -10.99 -18.81 5.22
C GLY B 25 -9.80 -19.21 6.09
N GLU B 26 -10.08 -19.89 7.22
CA GLU B 26 -9.09 -20.39 8.17
C GLU B 26 -8.30 -21.56 7.54
N LYS B 27 -8.98 -22.36 6.68
CA LYS B 27 -8.41 -23.51 5.94
C LYS B 27 -7.39 -22.99 4.91
N TYR B 28 -7.74 -21.89 4.20
CA TYR B 28 -6.88 -21.25 3.21
C TYR B 28 -5.59 -20.74 3.87
N LEU B 29 -5.72 -20.07 5.03
CA LEU B 29 -4.63 -19.51 5.83
C LEU B 29 -3.60 -20.53 6.28
N THR B 30 -4.04 -21.69 6.81
CA THR B 30 -3.16 -22.79 7.26
C THR B 30 -2.20 -23.27 6.15
N LEU B 31 -2.64 -23.23 4.87
CA LEU B 31 -1.87 -23.65 3.70
C LEU B 31 -1.08 -22.51 3.04
N THR B 32 -1.73 -21.37 2.81
CA THR B 32 -1.17 -20.20 2.13
C THR B 32 -0.18 -19.33 2.96
N VAL B 33 -0.26 -19.35 4.32
CA VAL B 33 0.57 -18.48 5.17
C VAL B 33 1.47 -19.24 6.18
N SER B 34 2.79 -19.12 6.00
CA SER B 34 3.81 -19.72 6.87
C SER B 34 4.29 -18.68 7.90
N LYS B 35 5.02 -19.13 8.95
CA LYS B 35 5.58 -18.24 9.98
C LYS B 35 6.39 -17.11 9.32
N ASN B 36 7.30 -17.46 8.39
CA ASN B 36 8.13 -16.48 7.68
C ASN B 36 7.35 -15.52 6.79
N ASP B 37 6.20 -15.96 6.22
CA ASP B 37 5.34 -15.14 5.36
C ASP B 37 4.96 -13.83 6.02
N PHE B 38 4.71 -13.84 7.33
CA PHE B 38 4.36 -12.68 8.14
C PHE B 38 5.47 -11.66 8.23
N LYS B 39 6.73 -12.13 8.38
CA LYS B 39 7.92 -11.29 8.48
C LYS B 39 8.16 -10.52 7.19
N LYS B 40 7.73 -11.08 6.04
CA LYS B 40 7.88 -10.49 4.70
C LYS B 40 6.62 -9.69 4.24
N MET B 41 5.59 -9.56 5.10
CA MET B 41 4.37 -8.83 4.74
C MET B 41 4.58 -7.33 4.83
N GLU B 42 3.96 -6.58 3.92
CA GLU B 42 4.12 -5.12 3.93
C GLU B 42 2.80 -4.42 4.16
N VAL B 43 2.83 -3.41 5.02
CA VAL B 43 1.63 -2.63 5.35
C VAL B 43 1.28 -1.63 4.25
N VAL B 44 0.05 -1.74 3.73
CA VAL B 44 -0.51 -0.82 2.75
C VAL B 44 -1.04 0.42 3.52
N GLY B 45 -1.85 0.18 4.54
CA GLY B 45 -2.43 1.23 5.37
C GLY B 45 -3.53 0.72 6.25
N GLN B 46 -4.19 1.65 6.93
CA GLN B 46 -5.25 1.34 7.87
C GLN B 46 -6.58 1.61 7.21
N PHE B 47 -7.50 0.65 7.36
CA PHE B 47 -8.80 0.72 6.75
C PHE B 47 -9.88 0.73 7.81
N ASN B 48 -10.74 1.80 7.75
CA ASN B 48 -11.86 2.04 8.65
C ASN B 48 -11.49 2.09 10.16
N LEU B 49 -10.22 2.45 10.44
CA LEU B 49 -9.67 2.54 11.81
C LEU B 49 -9.80 1.22 12.60
N GLY B 50 -9.92 0.11 11.89
CA GLY B 50 -10.07 -1.19 12.52
C GLY B 50 -9.32 -2.30 11.82
N PHE B 51 -8.86 -2.05 10.59
CA PHE B 51 -8.15 -3.07 9.80
C PHE B 51 -6.78 -2.63 9.28
N ILE B 52 -5.85 -3.58 9.18
CA ILE B 52 -4.56 -3.34 8.55
C ILE B 52 -4.56 -4.09 7.21
N ILE B 53 -4.38 -3.35 6.11
CA ILE B 53 -4.31 -3.93 4.76
C ILE B 53 -2.85 -4.23 4.51
N VAL B 54 -2.55 -5.49 4.13
CA VAL B 54 -1.17 -5.90 3.91
C VAL B 54 -1.00 -6.63 2.61
N THR B 55 0.19 -6.46 1.98
CA THR B 55 0.59 -7.16 0.74
C THR B 55 1.57 -8.23 1.12
N ARG B 56 1.58 -9.32 0.35
CA ARG B 56 2.49 -10.44 0.53
C ARG B 56 2.88 -10.96 -0.85
N LYS B 57 4.10 -10.63 -1.30
CA LYS B 57 4.60 -11.11 -2.59
C LYS B 57 5.72 -12.15 -2.40
N VAL B 58 5.35 -13.44 -2.52
CA VAL B 58 6.25 -14.58 -2.34
C VAL B 58 6.33 -15.44 -3.55
N ASP B 59 7.54 -15.53 -4.08
CA ASP B 59 7.85 -16.13 -5.35
C ASP B 59 7.24 -15.24 -6.42
N ASN B 60 6.27 -15.75 -7.22
CA ASN B 60 5.58 -15.01 -8.27
C ASN B 60 4.15 -14.72 -7.82
N LYS B 61 3.78 -15.32 -6.64
CA LYS B 61 2.50 -15.18 -5.96
C LYS B 61 2.47 -13.85 -5.20
N TYR B 62 1.37 -13.10 -5.35
CA TYR B 62 1.15 -11.78 -4.76
C TYR B 62 -0.29 -11.73 -4.23
N ASP B 63 -0.47 -11.52 -2.90
CA ASP B 63 -1.81 -11.45 -2.33
C ASP B 63 -1.96 -10.30 -1.37
N LEU B 64 -3.21 -9.83 -1.18
CA LEU B 64 -3.61 -8.84 -0.20
C LEU B 64 -4.31 -9.58 0.94
N PHE B 65 -4.01 -9.22 2.19
CA PHE B 65 -4.69 -9.77 3.36
C PHE B 65 -5.28 -8.64 4.19
N ILE B 66 -6.33 -8.93 4.93
CA ILE B 66 -6.99 -7.95 5.81
C ILE B 66 -6.84 -8.47 7.24
N VAL B 67 -6.19 -7.66 8.09
CA VAL B 67 -5.89 -8.02 9.49
C VAL B 67 -6.72 -7.13 10.43
N ASP B 68 -7.38 -7.75 11.43
CA ASP B 68 -8.14 -7.06 12.48
C ASP B 68 -7.09 -6.56 13.50
N GLN B 69 -6.91 -5.23 13.65
CA GLN B 69 -5.91 -4.64 14.55
C GLN B 69 -6.06 -5.07 16.01
N HIS B 70 -7.29 -5.23 16.52
CA HIS B 70 -7.50 -5.66 17.91
C HIS B 70 -7.21 -7.15 18.11
N ALA B 71 -7.90 -8.03 17.37
CA ALA B 71 -7.78 -9.50 17.49
C ALA B 71 -6.36 -10.03 17.25
N SER B 72 -5.64 -9.43 16.31
CA SER B 72 -4.25 -9.83 16.04
C SER B 72 -3.31 -9.36 17.15
N ASP B 73 -3.52 -8.13 17.67
CA ASP B 73 -2.68 -7.63 18.75
C ASP B 73 -2.91 -8.47 20.04
N GLU B 74 -4.18 -8.80 20.29
CA GLU B 74 -4.68 -9.62 21.39
C GLU B 74 -4.12 -11.03 21.34
N LYS B 75 -4.17 -11.73 20.18
CA LYS B 75 -3.63 -13.10 20.08
C LYS B 75 -2.16 -13.12 20.49
N TYR B 76 -1.41 -12.05 20.17
CA TYR B 76 -0.02 -11.96 20.56
C TYR B 76 0.15 -11.80 22.07
N ASN B 77 -0.50 -10.78 22.67
CA ASN B 77 -0.44 -10.49 24.11
C ASN B 77 -0.88 -11.70 24.93
N PHE B 78 -1.96 -12.36 24.46
CA PHE B 78 -2.52 -13.54 25.09
C PHE B 78 -1.49 -14.68 25.12
N GLU B 79 -0.90 -15.00 23.97
CA GLU B 79 0.06 -16.09 23.86
C GLU B 79 1.31 -15.84 24.67
N THR B 80 1.63 -14.55 24.88
CA THR B 80 2.77 -14.13 25.68
C THR B 80 2.42 -14.44 27.17
N LEU B 81 1.23 -14.03 27.62
CA LEU B 81 0.79 -14.31 28.98
C LEU B 81 0.72 -15.80 29.29
N GLN B 82 0.23 -16.61 28.32
CA GLN B 82 0.09 -18.06 28.44
C GLN B 82 1.44 -18.74 28.63
N ALA B 83 2.48 -18.22 27.93
CA ALA B 83 3.82 -18.80 27.99
C ALA B 83 4.69 -18.36 29.16
N VAL B 84 4.72 -17.04 29.47
CA VAL B 84 5.62 -16.48 30.51
C VAL B 84 5.11 -16.35 31.94
N THR B 85 3.82 -16.08 32.13
CA THR B 85 3.23 -15.78 33.43
C THR B 85 3.24 -16.88 34.48
N VAL B 86 3.87 -16.63 35.64
CA VAL B 86 3.80 -17.56 36.76
C VAL B 86 2.64 -17.02 37.59
N PHE B 87 1.55 -17.79 37.70
CA PHE B 87 0.36 -17.35 38.42
C PHE B 87 0.58 -17.34 39.94
N LYS B 88 0.09 -16.30 40.63
CA LYS B 88 0.27 -16.12 42.09
C LYS B 88 -0.50 -17.16 42.89
N SER B 89 0.21 -17.79 43.83
CA SER B 89 -0.35 -18.84 44.68
C SER B 89 -0.42 -18.49 46.15
N GLN B 90 -1.29 -19.21 46.88
CA GLN B 90 -1.51 -19.11 48.32
C GLN B 90 -0.82 -20.30 48.95
N LYS B 91 0.22 -20.03 49.76
CA LYS B 91 0.97 -21.06 50.48
C LYS B 91 0.02 -21.67 51.52
N LEU B 92 -0.36 -22.96 51.33
CA LEU B 92 -1.29 -23.69 52.17
C LEU B 92 -0.85 -23.83 53.62
N ILE B 93 -1.83 -23.79 54.55
CA ILE B 93 -1.58 -23.90 55.98
C ILE B 93 -1.21 -25.35 56.40
N ILE B 94 -1.87 -26.35 55.78
CA ILE B 94 -1.64 -27.79 55.98
C ILE B 94 -1.69 -28.46 54.58
N PRO B 95 -0.56 -29.03 54.08
CA PRO B 95 -0.57 -29.65 52.74
C PRO B 95 -1.59 -30.76 52.51
N GLN B 96 -2.17 -30.82 51.28
CA GLN B 96 -3.22 -31.77 50.90
C GLN B 96 -2.77 -32.86 49.89
N PRO B 97 -2.98 -34.15 50.18
CA PRO B 97 -2.58 -35.20 49.22
C PRO B 97 -3.65 -35.53 48.18
N VAL B 98 -3.26 -36.24 47.09
CA VAL B 98 -4.14 -36.65 45.99
C VAL B 98 -3.71 -38.01 45.38
N GLU B 99 -4.69 -38.82 44.94
CA GLU B 99 -4.50 -40.13 44.29
C GLU B 99 -4.85 -40.03 42.80
N LEU B 100 -4.00 -40.60 41.93
CA LEU B 100 -4.20 -40.55 40.47
C LEU B 100 -4.16 -41.92 39.77
N SER B 101 -3.00 -42.29 39.18
CA SER B 101 -2.81 -43.55 38.46
C SER B 101 -1.34 -43.95 38.44
N GLU B 105 -1.20 -41.50 34.99
CA GLU B 105 -1.57 -40.11 35.24
C GLU B 105 -0.64 -39.41 36.22
N LEU B 106 -0.04 -40.16 37.17
CA LEU B 106 0.91 -39.65 38.18
C LEU B 106 2.23 -39.17 37.57
N VAL B 107 2.60 -39.77 36.42
CA VAL B 107 3.83 -39.44 35.67
C VAL B 107 3.71 -38.11 34.91
N VAL B 108 2.47 -37.65 34.64
CA VAL B 108 2.19 -36.38 33.96
C VAL B 108 2.57 -35.21 34.91
N LEU B 109 2.24 -35.35 36.20
CA LEU B 109 2.56 -34.37 37.24
C LEU B 109 4.05 -34.36 37.58
N ASP B 110 4.66 -35.57 37.65
CA ASP B 110 6.08 -35.76 37.97
C ASP B 110 7.00 -35.69 36.72
N ASN B 111 6.68 -34.75 35.79
CA ASN B 111 7.41 -34.50 34.55
C ASN B 111 7.25 -33.02 34.12
N LEU B 112 6.15 -32.38 34.56
CA LEU B 112 5.83 -31.02 34.14
C LEU B 112 5.87 -29.86 35.16
N PRO B 113 6.64 -28.77 34.86
CA PRO B 113 6.64 -27.58 35.72
C PRO B 113 5.61 -26.54 35.22
N VAL B 114 4.53 -27.05 34.60
CA VAL B 114 3.36 -26.35 34.07
C VAL B 114 2.42 -26.11 35.27
N PHE B 115 2.57 -26.93 36.32
CA PHE B 115 1.81 -26.82 37.56
C PHE B 115 2.29 -25.61 38.35
N GLU B 116 3.62 -25.44 38.45
CA GLU B 116 4.27 -24.31 39.13
C GLU B 116 3.85 -22.98 38.48
N LYS B 117 3.75 -22.95 37.13
CA LYS B 117 3.33 -21.79 36.34
C LYS B 117 1.88 -21.44 36.61
N ASN B 118 1.06 -22.46 36.88
CA ASN B 118 -0.37 -22.31 37.18
C ASN B 118 -0.66 -22.19 38.70
N GLY B 119 0.37 -21.82 39.47
CA GLY B 119 0.27 -21.66 40.92
C GLY B 119 0.14 -22.93 41.75
N PHE B 120 0.62 -24.07 41.22
CA PHE B 120 0.60 -25.35 41.93
C PHE B 120 2.02 -25.81 42.29
N LYS B 121 2.49 -25.41 43.49
CA LYS B 121 3.79 -25.81 44.00
C LYS B 121 3.55 -27.18 44.65
N LEU B 122 4.29 -28.21 44.19
CA LEU B 122 4.10 -29.57 44.68
C LEU B 122 5.31 -30.16 45.42
N LYS B 123 5.08 -31.30 46.12
CA LYS B 123 6.09 -32.05 46.86
C LYS B 123 6.06 -33.51 46.42
N ILE B 124 6.99 -33.88 45.51
CA ILE B 124 7.13 -35.21 44.94
C ILE B 124 7.85 -36.17 45.89
N SER B 132 0.37 -41.55 42.68
CA SER B 132 0.15 -42.34 43.90
C SER B 132 0.34 -41.50 45.17
N ARG B 133 1.52 -40.86 45.30
CA ARG B 133 1.89 -40.03 46.44
C ARG B 133 2.19 -38.57 46.04
N VAL B 134 1.13 -37.75 45.90
CA VAL B 134 1.20 -36.34 45.51
C VAL B 134 0.94 -35.43 46.73
N LYS B 135 1.67 -34.30 46.82
CA LYS B 135 1.51 -33.33 47.92
C LYS B 135 1.40 -31.89 47.42
N LEU B 136 0.21 -31.29 47.59
CA LEU B 136 -0.13 -29.93 47.18
C LEU B 136 0.32 -28.91 48.23
N LEU B 137 1.38 -28.13 47.94
CA LEU B 137 1.94 -27.13 48.84
C LEU B 137 1.29 -25.74 48.66
N SER B 138 0.98 -25.37 47.40
CA SER B 138 0.39 -24.08 47.05
C SER B 138 -0.75 -24.23 46.05
N LEU B 139 -1.79 -23.40 46.21
CA LEU B 139 -2.96 -23.35 45.34
C LEU B 139 -3.04 -21.92 44.70
N PRO B 140 -3.31 -21.75 43.39
CA PRO B 140 -3.37 -20.39 42.83
C PRO B 140 -4.47 -19.51 43.46
N THR B 141 -4.24 -18.17 43.53
CA THR B 141 -5.19 -17.22 44.13
C THR B 141 -5.42 -15.97 43.31
N SER B 142 -6.66 -15.44 43.36
CA SER B 142 -7.07 -14.23 42.67
C SER B 142 -8.14 -13.52 43.50
N LYS B 143 -8.23 -12.17 43.40
CA LYS B 143 -9.24 -11.35 44.09
C LYS B 143 -10.62 -11.41 43.39
N GLN B 144 -10.70 -12.10 42.23
CA GLN B 144 -11.93 -12.23 41.43
C GLN B 144 -12.43 -13.67 41.19
N THR B 145 -11.75 -14.68 41.80
CA THR B 145 -12.13 -16.10 41.69
C THR B 145 -11.50 -17.02 42.73
N LEU B 146 -12.19 -18.13 42.99
CA LEU B 146 -11.76 -19.15 43.94
C LEU B 146 -11.23 -20.36 43.19
N PHE B 147 -10.15 -20.97 43.72
CA PHE B 147 -9.51 -22.13 43.11
C PHE B 147 -9.63 -23.35 44.01
N ASP B 148 -9.81 -24.54 43.40
CA ASP B 148 -10.01 -25.82 44.10
C ASP B 148 -9.20 -26.98 43.48
N LEU B 149 -9.50 -28.23 43.90
CA LEU B 149 -8.86 -29.43 43.37
C LEU B 149 -9.37 -29.82 41.99
N GLY B 150 -10.59 -29.38 41.68
CA GLY B 150 -11.24 -29.60 40.39
C GLY B 150 -10.53 -28.89 39.25
N ASP B 151 -9.78 -27.81 39.59
CA ASP B 151 -8.97 -27.00 38.68
C ASP B 151 -7.61 -27.69 38.45
N PHE B 152 -7.07 -28.32 39.51
CA PHE B 152 -5.81 -29.10 39.49
C PHE B 152 -5.98 -30.35 38.63
N ASN B 153 -7.16 -30.99 38.72
CA ASN B 153 -7.51 -32.17 37.94
C ASN B 153 -7.84 -31.76 36.51
N GLU B 154 -8.41 -30.55 36.33
CA GLU B 154 -8.72 -30.00 35.01
C GLU B 154 -7.43 -29.79 34.25
N LEU B 155 -6.37 -29.28 34.93
CA LEU B 155 -5.04 -29.08 34.34
C LEU B 155 -4.37 -30.43 34.08
N ILE B 156 -4.67 -31.45 34.92
CA ILE B 156 -4.16 -32.82 34.75
C ILE B 156 -4.74 -33.43 33.45
N HIS B 157 -6.03 -33.14 33.18
CA HIS B 157 -6.76 -33.61 31.99
C HIS B 157 -6.49 -32.77 30.75
N LEU B 158 -6.14 -31.47 30.92
CA LEU B 158 -5.87 -30.56 29.80
C LEU B 158 -4.55 -30.87 29.09
N ILE B 159 -3.61 -31.51 29.81
CA ILE B 159 -2.32 -31.94 29.23
C ILE B 159 -2.63 -33.19 28.36
N LYS B 160 -3.47 -34.11 28.91
CA LYS B 160 -3.97 -35.30 28.22
C LYS B 160 -4.96 -34.71 27.26
N GLU B 161 -4.87 -35.05 25.98
CA GLU B 161 -5.73 -34.47 24.96
C GLU B 161 -5.37 -32.99 24.66
N ASP B 162 -4.07 -32.69 24.51
CA ASP B 162 -3.60 -31.35 24.14
C ASP B 162 -3.54 -31.16 22.59
N GLY B 163 -3.00 -32.11 21.79
CA GLY B 163 -2.43 -33.40 22.17
C GLY B 163 -0.93 -33.38 22.38
N GLY B 164 -0.19 -33.44 21.27
CA GLY B 164 1.27 -33.41 21.27
C GLY B 164 1.74 -31.99 21.48
N LEU B 165 2.27 -31.37 20.41
CA LEU B 165 2.72 -29.97 20.34
C LEU B 165 3.41 -29.40 21.61
N ARG B 166 3.10 -28.13 21.97
CA ARG B 166 3.63 -27.41 23.13
C ARG B 166 2.76 -27.64 24.35
N ARG B 167 3.35 -28.12 25.46
CA ARG B 167 2.60 -28.32 26.72
C ARG B 167 2.98 -27.30 27.80
N ASP B 168 4.08 -26.56 27.59
CA ASP B 168 4.60 -25.55 28.52
C ASP B 168 3.70 -24.30 28.68
N ASN B 169 2.87 -24.02 27.66
CA ASN B 169 1.98 -22.89 27.66
C ASN B 169 0.52 -23.27 28.02
N ILE B 170 0.28 -24.50 28.53
CA ILE B 170 -1.06 -25.00 28.92
C ILE B 170 -1.55 -24.34 30.21
N ARG B 171 -2.81 -23.87 30.24
CA ARG B 171 -3.42 -23.22 31.40
C ARG B 171 -4.84 -23.73 31.69
N CYS B 172 -5.20 -23.89 32.97
CA CYS B 172 -6.54 -24.30 33.38
C CYS B 172 -7.51 -23.20 33.01
N SER B 173 -8.70 -23.57 32.49
CA SER B 173 -9.70 -22.63 31.96
C SER B 173 -9.90 -21.34 32.76
N LYS B 174 -9.89 -21.42 34.11
CA LYS B 174 -10.03 -20.24 34.97
C LYS B 174 -8.90 -19.23 34.68
N ILE B 175 -7.64 -19.70 34.69
CA ILE B 175 -6.48 -18.88 34.37
C ILE B 175 -6.52 -18.40 32.90
N ARG B 176 -6.82 -19.32 31.95
CA ARG B 176 -6.90 -19.01 30.53
C ARG B 176 -7.84 -17.84 30.25
N SER B 177 -9.05 -17.86 30.87
CA SER B 177 -10.10 -16.84 30.77
C SER B 177 -9.63 -15.51 31.28
N MET B 178 -8.92 -15.51 32.40
CA MET B 178 -8.36 -14.29 33.00
C MET B 178 -7.31 -13.65 32.08
N PHE B 179 -6.46 -14.48 31.43
CA PHE B 179 -5.42 -14.02 30.50
C PHE B 179 -6.07 -13.48 29.22
N ALA B 180 -7.19 -14.09 28.81
CA ALA B 180 -7.96 -13.66 27.64
C ALA B 180 -8.54 -12.27 27.91
N MET B 181 -8.97 -11.99 29.15
CA MET B 181 -9.48 -10.67 29.49
C MET B 181 -8.35 -9.66 29.64
N ARG B 182 -7.20 -10.07 30.24
CA ARG B 182 -6.02 -9.22 30.39
C ARG B 182 -5.59 -8.71 29.01
N ALA B 183 -5.47 -9.65 28.04
CA ALA B 183 -5.06 -9.39 26.66
C ALA B 183 -6.07 -8.46 25.96
N CYS B 184 -7.36 -8.76 26.08
CA CYS B 184 -8.41 -7.95 25.47
C CYS B 184 -8.42 -6.48 25.93
N ARG B 185 -8.19 -6.25 27.22
CA ARG B 185 -8.17 -4.92 27.82
C ARG B 185 -6.88 -4.14 27.53
N SER B 186 -5.75 -4.82 27.36
CA SER B 186 -4.48 -4.15 27.14
C SER B 186 -4.10 -3.97 25.65
N SER B 187 -4.77 -4.70 24.75
CA SER B 187 -4.51 -4.65 23.34
C SER B 187 -5.04 -3.38 22.64
N ILE B 188 -4.62 -3.18 21.38
CA ILE B 188 -5.01 -2.04 20.54
C ILE B 188 -6.52 -2.10 20.38
N MET B 189 -7.20 -0.96 20.58
CA MET B 189 -8.64 -0.86 20.38
C MET B 189 -8.97 -0.63 18.91
N ILE B 190 -10.18 -1.07 18.50
CA ILE B 190 -10.74 -0.77 17.20
C ILE B 190 -11.17 0.72 17.33
N GLY B 191 -10.89 1.50 16.27
CA GLY B 191 -11.15 2.93 16.21
C GLY B 191 -9.91 3.74 16.55
N LYS B 192 -8.82 3.05 16.93
CA LYS B 192 -7.57 3.71 17.26
C LYS B 192 -6.76 3.92 15.98
N PRO B 193 -6.46 5.20 15.64
CA PRO B 193 -5.58 5.46 14.48
C PRO B 193 -4.19 4.93 14.77
N LEU B 194 -3.57 4.25 13.78
CA LEU B 194 -2.24 3.62 13.90
C LEU B 194 -1.33 4.13 12.80
N ASN B 195 -0.03 4.23 13.11
CA ASN B 195 0.98 4.61 12.11
C ASN B 195 1.64 3.34 11.50
N LYS B 196 2.36 3.47 10.37
CA LYS B 196 2.99 2.33 9.71
C LYS B 196 3.81 1.49 10.66
N LYS B 197 4.61 2.14 11.52
CA LYS B 197 5.48 1.47 12.48
C LYS B 197 4.75 0.51 13.40
N THR B 198 3.66 0.97 14.00
CA THR B 198 2.83 0.16 14.87
C THR B 198 2.15 -0.98 14.11
N MET B 199 1.51 -0.69 12.95
CA MET B 199 0.84 -1.68 12.14
C MET B 199 1.78 -2.82 11.73
N THR B 200 3.04 -2.46 11.36
CA THR B 200 4.10 -3.38 10.96
C THR B 200 4.45 -4.33 12.10
N ARG B 201 4.58 -3.80 13.31
CA ARG B 201 4.88 -4.58 14.51
C ARG B 201 3.78 -5.60 14.80
N VAL B 202 2.51 -5.16 14.70
CA VAL B 202 1.31 -5.97 14.91
C VAL B 202 1.28 -7.19 13.97
N VAL B 203 1.55 -6.97 12.68
CA VAL B 203 1.54 -8.04 11.66
C VAL B 203 2.73 -8.99 11.82
N HIS B 204 3.93 -8.42 11.91
CA HIS B 204 5.17 -9.17 12.06
C HIS B 204 5.18 -10.05 13.32
N ASN B 205 4.58 -9.56 14.43
CA ASN B 205 4.43 -10.29 15.71
C ASN B 205 3.73 -11.63 15.53
N LEU B 206 2.84 -11.74 14.54
CA LEU B 206 2.11 -12.98 14.23
C LEU B 206 3.03 -14.13 13.73
N SER B 207 4.25 -13.82 13.24
CA SER B 207 5.22 -14.83 12.77
C SER B 207 5.80 -15.66 13.93
N GLU B 208 5.64 -15.13 15.16
CA GLU B 208 6.15 -15.72 16.39
C GLU B 208 5.22 -16.81 16.95
N LEU B 209 3.95 -16.83 16.50
CA LEU B 209 2.90 -17.72 16.99
C LEU B 209 2.60 -18.88 16.04
N ASP B 210 2.02 -19.96 16.58
CA ASP B 210 1.64 -21.08 15.72
C ASP B 210 0.18 -20.99 15.33
N LYS B 211 -0.08 -20.98 13.99
CA LYS B 211 -1.38 -20.82 13.34
C LYS B 211 -2.25 -19.74 14.06
N PRO B 212 -1.79 -18.45 14.06
CA PRO B 212 -2.51 -17.41 14.81
C PRO B 212 -3.75 -16.87 14.09
N TRP B 213 -4.61 -17.77 13.62
CA TRP B 213 -5.80 -17.40 12.87
C TRP B 213 -6.95 -16.83 13.70
N ASN B 214 -6.96 -17.09 15.01
CA ASN B 214 -8.02 -16.63 15.91
C ASN B 214 -7.50 -16.06 17.19
N CYS B 215 -8.26 -15.12 17.78
CA CYS B 215 -7.96 -14.51 19.07
C CYS B 215 -8.41 -15.54 20.14
N PRO B 216 -8.10 -15.35 21.45
CA PRO B 216 -8.57 -16.32 22.46
C PRO B 216 -10.10 -16.51 22.58
N HIS B 217 -10.90 -15.57 22.04
CA HIS B 217 -12.36 -15.68 22.09
C HIS B 217 -12.91 -16.39 20.85
N GLY B 218 -12.05 -16.69 19.89
CA GLY B 218 -12.42 -17.39 18.66
C GLY B 218 -12.72 -16.52 17.45
N ARG B 219 -12.40 -15.23 17.54
CA ARG B 219 -12.63 -14.25 16.46
C ARG B 219 -11.45 -14.26 15.50
N PRO B 220 -11.66 -14.07 14.19
CA PRO B 220 -10.52 -14.13 13.26
C PRO B 220 -9.59 -12.94 13.39
N THR B 221 -8.28 -13.20 13.25
CA THR B 221 -7.26 -12.17 13.35
C THR B 221 -7.09 -11.58 11.97
N MET B 222 -7.11 -12.44 10.95
CA MET B 222 -6.89 -12.05 9.57
C MET B 222 -7.60 -12.92 8.54
N ARG B 223 -7.66 -12.44 7.30
CA ARG B 223 -8.27 -13.14 6.17
C ARG B 223 -7.67 -12.66 4.87
N HIS B 224 -7.62 -13.56 3.87
CA HIS B 224 -7.14 -13.26 2.53
C HIS B 224 -8.18 -12.37 1.88
N LEU B 225 -7.74 -11.27 1.26
CA LEU B 225 -8.65 -10.38 0.55
C LEU B 225 -8.73 -10.86 -0.90
N MET B 226 -7.61 -10.73 -1.63
CA MET B 226 -7.48 -11.07 -3.04
C MET B 226 -6.06 -11.36 -3.48
N GLU B 227 -5.95 -12.17 -4.55
CA GLU B 227 -4.68 -12.46 -5.20
C GLU B 227 -4.52 -11.42 -6.31
N LEU B 228 -3.33 -10.82 -6.42
CA LEU B 228 -3.00 -9.85 -7.46
C LEU B 228 -2.13 -10.53 -8.51
N ARG B 229 -2.78 -11.23 -9.40
CA ARG B 229 -2.10 -11.86 -10.51
C ARG B 229 -2.98 -11.57 -11.68
N ASP B 230 -2.35 -10.98 -12.70
CA ASP B 230 -2.92 -10.56 -13.99
C ASP B 230 -3.75 -9.25 -14.00
N TRP B 231 -3.07 -8.13 -13.70
CA TRP B 231 -3.61 -6.78 -13.74
C TRP B 231 -2.72 -6.03 -14.71
N SER B 232 -3.20 -5.84 -15.93
CA SER B 232 -2.47 -5.11 -16.94
C SER B 232 -2.84 -3.64 -16.76
N SER B 233 -2.08 -2.97 -15.87
CA SER B 233 -2.27 -1.56 -15.53
C SER B 233 -1.79 -0.63 -16.65
N PHE B 234 -2.19 0.66 -16.55
CA PHE B 234 -1.86 1.73 -17.49
C PHE B 234 -0.34 1.80 -17.73
N SER B 235 0.05 1.81 -19.01
CA SER B 235 1.46 1.84 -19.41
C SER B 235 1.77 2.75 -20.55
N LYS B 236 0.78 3.54 -21.02
CA LYS B 236 0.92 4.47 -22.16
C LYS B 236 2.17 5.37 -22.11
N ASP B 237 2.56 5.84 -20.91
CA ASP B 237 3.72 6.69 -20.70
C ASP B 237 5.08 6.06 -21.05
N TYR B 238 5.16 4.73 -21.19
CA TYR B 238 6.41 4.04 -21.56
C TYR B 238 6.33 3.41 -22.92
N GLU B 239 5.24 3.66 -23.66
CA GLU B 239 4.99 3.12 -25.00
C GLU B 239 5.44 4.05 -26.08
N ILE B 240 6.11 3.51 -27.09
CA ILE B 240 6.49 4.26 -28.27
C ILE B 240 5.97 3.54 -29.53
C ACE C 1 -13.38 31.29 -33.92
O ACE C 1 -13.05 31.67 -35.06
CH3 ACE C 1 -14.84 30.89 -33.64
N VAL C 2 -12.54 31.19 -32.89
CA VAL C 2 -11.12 31.59 -32.96
C VAL C 2 -10.05 30.50 -33.17
N ARG C 3 -9.25 30.66 -34.24
CA ARG C 3 -8.13 29.79 -34.58
C ARG C 3 -6.80 30.39 -34.04
N SER C 4 -5.77 29.54 -33.87
CA SER C 4 -4.46 29.90 -33.31
C SER C 4 -3.53 30.46 -34.36
N LYS C 5 -2.90 31.65 -34.05
CA LYS C 5 -1.92 32.28 -34.96
C LYS C 5 -0.86 31.30 -35.45
N TYR C 6 -0.52 30.30 -34.64
CA TYR C 6 0.50 29.30 -34.92
C TYR C 6 0.10 28.26 -35.93
N PHE C 7 -1.16 28.31 -36.37
CA PHE C 7 -1.65 27.34 -37.35
C PHE C 7 -2.21 28.09 -38.55
N LYS C 8 -1.61 27.86 -39.74
CA LYS C 8 -1.99 28.51 -41.01
C LYS C 8 -1.87 27.54 -42.19
C1 GOL D . -6.36 23.32 -6.49
O1 GOL D . -5.86 24.62 -6.74
C2 GOL D . -5.49 22.25 -7.13
O2 GOL D . -5.91 20.95 -6.67
C3 GOL D . -5.60 22.32 -8.64
O3 GOL D . -4.50 21.70 -9.28
C1 GOL E . 20.26 13.27 -21.26
O1 GOL E . 19.75 12.07 -20.69
C2 GOL E . 20.72 14.23 -20.20
O2 GOL E . 19.61 14.84 -19.54
C3 GOL E . 21.61 15.31 -20.79
O3 GOL E . 20.85 16.24 -21.52
C1 GOL F . 24.26 18.06 -7.37
O1 GOL F . 24.94 16.93 -6.85
C2 GOL F . 25.12 18.74 -8.42
O2 GOL F . 25.21 17.91 -9.58
C3 GOL F . 24.58 20.11 -8.77
O3 GOL F . 25.63 21.03 -9.08
C1 GOL G . -22.79 9.70 -16.44
O1 GOL G . -23.37 10.80 -15.72
C2 GOL G . -23.46 8.38 -16.11
O2 GOL G . -22.93 7.35 -16.95
C3 GOL G . -23.27 7.99 -14.66
O3 GOL G . -24.02 8.84 -13.80
C1 GOL H . -7.15 10.10 -22.78
O1 GOL H . -7.80 9.01 -22.11
C2 GOL H . -8.03 11.32 -22.95
O2 GOL H . -8.81 11.55 -21.76
C3 GOL H . -7.13 12.51 -23.21
O3 GOL H . -7.35 13.08 -24.50
C1 EDO I . -11.82 21.26 -18.33
O1 EDO I . -11.35 20.31 -17.36
C2 EDO I . -13.36 21.47 -18.16
O2 EDO I . -14.02 20.22 -18.07
C1 EDO J . 11.85 2.38 -14.46
O1 EDO J . 10.86 1.41 -14.77
C2 EDO J . 11.37 3.82 -14.88
O2 EDO J . 10.45 4.36 -13.93
C1 EDO K . -10.75 14.88 -24.59
O1 EDO K . -10.80 16.31 -24.49
C2 EDO K . -11.75 14.14 -23.61
O2 EDO K . -11.35 12.80 -23.33
C1 EDO L . -18.04 1.09 -9.94
O1 EDO L . -17.42 0.11 -9.11
C2 EDO L . -18.89 2.12 -9.13
O2 EDO L . -19.40 3.15 -9.97
C1 EDO M . -16.50 -8.19 -3.78
O1 EDO M . -15.35 -8.90 -3.34
C2 EDO M . -17.28 -7.67 -2.56
O2 EDO M . -16.55 -6.60 -1.98
ZN ZN N . -10.67 -8.54 22.63
ZN ZN O . -10.73 -11.77 21.56
C1 EDO P . -7.51 -5.16 -14.62
O1 EDO P . -8.70 -4.93 -13.87
C2 EDO P . -7.64 -4.64 -16.10
O2 EDO P . -7.47 -3.22 -16.19
#